data_7FD6
#
_entry.id   7FD6
#
_cell.length_a   132.525
_cell.length_b   202.186
_cell.length_c   59.430
_cell.angle_alpha   90.000
_cell.angle_beta   90.000
_cell.angle_gamma   90.000
#
_symmetry.space_group_name_H-M   'C 2 2 21'
#
loop_
_entity.id
_entity.type
_entity.pdbx_description
1 polymer 'Chitinase A'
2 non-polymer "11-methyl-3-(pyridin-3-ylmethyl)-4H-pyrimido[5'',4'':5',6']pyrido[2',3':4,5]pyrimido[1,2-b]pyridine-4,6(3H)-dione"
3 water water
#
_entity_poly.entity_id   1
_entity_poly.type   'polypeptide(L)'
_entity_poly.pdbx_seq_one_letter_code
;AAPGKPTIAWGNTKFAIVEVDQAATAYNNLVKVKNAADVSVSWNLWNGDTGTTAKILLNGKEAWSGPSTGSSGTANFKVN
KGGRYQMQVALCNADGCTASDATEIVVADTDGSHLAPLKEPLLEKNKPYKQNSGKVVGSYFVEWGVYGRNFTVDKIPAQN
LTHLLYGFIPICGGNGINDSLKEIEGSFQALQRSCQGREDFKVSIHDPFAALQKAQKGVTAWDDPYKGNFGQLMALKQAH
PDLKILPSIGGWTLSDPFFFMGDKVKRDRFVGSVKEFLQTWKFFDGVDIDWEFPGGKGANPNLGSPQDGETYVLLMKELR
AMLDQLSAETGRKYELTSAISAGKDKIDKVAYNVAQNSMDHIFLMSYDFYGAFDLKNLGHQTALNAPAWKPDTAYTTVNG
VNALLTQGVKPGKIVVGTAMYGRGWTGVNGYQNNIPFTGTATGPVKGTWENGIVDYRQIASQFMSGEWQYTYDATAEAPY
VFKPSTGDLITFDDARSVQAKGKYVLDKQLGGLFSWEIDADNGDILNSMNASLGNSAGVQLEHHHHHH
;
_entity_poly.pdbx_strand_id   A
#
loop_
_chem_comp.id
_chem_comp.type
_chem_comp.name
_chem_comp.formula
4QU non-polymer 11-methyl-3-(pyridin-3-ylmethyl)-4H-pyrimido[5'',4'':5',6']pyrido[2',3':4,5]pyrimido[1,2-b]pyridine-4,6(3H)-dione 'C20 H14 N6 O2'
#
# COMPACT_ATOMS: atom_id res chain seq x y z
N ALA A 1 48.79 -25.95 20.26
CA ALA A 1 49.56 -24.72 20.11
C ALA A 1 48.74 -23.65 19.40
N ALA A 2 47.53 -23.99 18.98
CA ALA A 2 46.63 -23.02 18.39
C ALA A 2 46.18 -22.01 19.44
N PRO A 3 45.63 -20.88 19.02
CA PRO A 3 45.23 -19.85 19.98
C PRO A 3 44.08 -20.30 20.86
N GLY A 4 43.89 -19.60 21.97
CA GLY A 4 42.70 -19.79 22.77
C GLY A 4 41.44 -19.40 22.02
N LYS A 5 40.32 -19.93 22.47
CA LYS A 5 39.03 -19.66 21.85
C LYS A 5 38.45 -18.35 22.39
N PRO A 6 38.25 -17.33 21.56
CA PRO A 6 37.82 -16.04 22.07
C PRO A 6 36.33 -16.02 22.38
N THR A 7 35.95 -15.00 23.16
CA THR A 7 34.58 -14.77 23.58
C THR A 7 34.13 -13.45 22.98
N ILE A 8 33.01 -13.48 22.24
CA ILE A 8 32.49 -12.24 21.66
C ILE A 8 31.93 -11.38 22.77
N ALA A 9 32.30 -10.09 22.77
CA ALA A 9 31.85 -9.17 23.79
C ALA A 9 30.37 -8.82 23.61
N TRP A 10 29.69 -8.60 24.73
CA TRP A 10 28.32 -8.11 24.65
C TRP A 10 28.30 -6.72 24.03
N GLY A 11 27.32 -6.49 23.16
CA GLY A 11 27.20 -5.20 22.51
C GLY A 11 26.11 -5.25 21.46
N ASN A 12 25.94 -4.11 20.79
CA ASN A 12 24.91 -4.06 19.76
C ASN A 12 25.18 -5.11 18.69
N THR A 13 24.12 -5.74 18.20
CA THR A 13 24.23 -6.74 17.15
C THR A 13 23.38 -6.40 15.92
N LYS A 14 22.72 -5.23 15.90
CA LYS A 14 21.84 -4.88 14.80
C LYS A 14 22.31 -3.59 14.14
N PHE A 15 22.52 -3.66 12.84
CA PHE A 15 23.07 -2.58 12.03
C PHE A 15 22.20 -2.42 10.79
N ALA A 16 22.38 -1.31 10.08
CA ALA A 16 21.47 -1.00 8.99
C ALA A 16 22.21 -0.39 7.81
N ILE A 17 21.90 -0.88 6.60
CA ILE A 17 22.42 -0.25 5.39
C ILE A 17 21.68 1.05 5.10
N VAL A 18 20.36 1.03 5.25
CA VAL A 18 19.56 2.25 5.25
C VAL A 18 19.21 2.54 6.71
N GLU A 19 19.79 3.60 7.26
CA GLU A 19 19.60 3.94 8.67
C GLU A 19 18.42 4.88 8.84
N VAL A 20 17.64 4.65 9.90
CA VAL A 20 16.57 5.54 10.29
C VAL A 20 17.01 6.26 11.56
N ASP A 21 17.12 7.58 11.49
CA ASP A 21 17.43 8.40 12.65
C ASP A 21 16.23 8.41 13.60
N GLN A 22 16.46 7.99 14.84
CA GLN A 22 15.36 7.83 15.78
C GLN A 22 14.93 9.12 16.44
N ALA A 23 15.64 10.23 16.22
CA ALA A 23 15.27 11.53 16.77
C ALA A 23 15.24 12.56 15.64
N ALA A 24 14.37 12.32 14.66
CA ALA A 24 14.22 13.22 13.52
C ALA A 24 12.79 13.13 13.00
N THR A 25 12.22 14.27 12.63
CA THR A 25 10.87 14.30 12.08
C THR A 25 10.84 14.66 10.59
N ALA A 26 11.95 15.14 10.03
CA ALA A 26 12.01 15.48 8.61
C ALA A 26 12.51 14.29 7.82
N TYR A 27 11.84 13.98 6.70
CA TYR A 27 12.21 12.84 5.89
C TYR A 27 13.68 12.87 5.49
N ASN A 28 14.21 14.05 5.15
CA ASN A 28 15.60 14.14 4.72
C ASN A 28 16.57 13.77 5.84
N ASN A 29 16.20 14.01 7.09
CA ASN A 29 17.03 13.59 8.22
C ASN A 29 16.67 12.20 8.71
N LEU A 30 15.44 11.77 8.49
CA LEU A 30 14.99 10.48 8.99
C LEU A 30 15.72 9.34 8.29
N VAL A 31 15.91 9.43 6.99
CA VAL A 31 16.38 8.31 6.17
C VAL A 31 17.78 8.61 5.68
N LYS A 32 18.71 7.70 5.96
CA LYS A 32 20.10 7.84 5.53
C LYS A 32 20.47 6.58 4.76
N VAL A 33 20.60 6.70 3.45
CA VAL A 33 20.99 5.58 2.60
C VAL A 33 22.52 5.53 2.55
N LYS A 34 23.08 4.41 2.98
CA LYS A 34 24.51 4.17 2.93
C LYS A 34 24.80 3.04 1.95
N ASN A 35 26.04 3.00 1.46
CA ASN A 35 26.44 1.91 0.58
C ASN A 35 26.63 0.60 1.33
N ALA A 36 26.88 0.67 2.64
CA ALA A 36 27.08 -0.53 3.44
C ALA A 36 26.82 -0.17 4.89
N ALA A 37 26.48 -1.18 5.68
CA ALA A 37 26.31 -1.00 7.11
C ALA A 37 27.67 -0.94 7.80
N ASP A 38 27.79 -0.06 8.78
CA ASP A 38 28.97 0.02 9.63
C ASP A 38 28.78 -0.94 10.81
N VAL A 39 29.55 -2.02 10.82
CA VAL A 39 29.39 -3.07 11.81
C VAL A 39 30.60 -3.03 12.75
N SER A 40 30.36 -3.37 14.01
CA SER A 40 31.41 -3.38 15.01
C SER A 40 31.28 -4.61 15.89
N VAL A 41 32.41 -5.23 16.21
CA VAL A 41 32.47 -6.41 17.05
C VAL A 41 33.69 -6.29 17.95
N SER A 42 33.54 -6.72 19.20
CA SER A 42 34.64 -6.79 20.14
C SER A 42 34.72 -8.20 20.72
N TRP A 43 35.88 -8.52 21.28
CA TRP A 43 36.07 -9.86 21.85
C TRP A 43 37.05 -9.78 23.00
N ASN A 44 36.97 -10.79 23.86
CA ASN A 44 37.94 -11.02 24.93
C ASN A 44 38.43 -12.45 24.85
N LEU A 45 39.67 -12.65 25.29
CA LEU A 45 40.25 -13.99 25.39
C LEU A 45 40.54 -14.25 26.86
N TRP A 46 39.81 -15.19 27.46
CA TRP A 46 39.94 -15.47 28.87
C TRP A 46 40.91 -16.61 29.17
N ASN A 47 41.35 -17.36 28.16
CA ASN A 47 42.31 -18.44 28.36
C ASN A 47 43.14 -18.66 27.11
N GLY A 48 44.46 -18.76 27.27
CA GLY A 48 45.33 -19.21 26.19
C GLY A 48 46.09 -18.10 25.49
N ASP A 49 46.72 -18.50 24.38
CA ASP A 49 47.49 -17.60 23.55
C ASP A 49 46.56 -16.79 22.65
N THR A 50 46.85 -15.49 22.50
CA THR A 50 45.97 -14.64 21.71
C THR A 50 46.19 -14.79 20.21
N GLY A 51 47.07 -15.69 19.77
CA GLY A 51 47.35 -15.82 18.36
C GLY A 51 48.06 -14.59 17.82
N THR A 52 48.22 -14.57 16.48
CA THR A 52 48.84 -13.43 15.83
C THR A 52 47.94 -12.71 14.84
N THR A 53 46.85 -13.32 14.39
CA THR A 53 45.86 -12.67 13.54
C THR A 53 44.48 -12.88 14.14
N ALA A 54 43.68 -11.83 14.13
CA ALA A 54 42.27 -11.90 14.50
C ALA A 54 41.42 -11.66 13.25
N LYS A 55 40.35 -12.43 13.10
CA LYS A 55 39.45 -12.32 11.96
C LYS A 55 38.02 -12.27 12.45
N ILE A 56 37.18 -11.49 11.76
CA ILE A 56 35.73 -11.56 11.93
C ILE A 56 35.17 -12.33 10.74
N LEU A 57 34.44 -13.40 11.01
CA LEU A 57 33.83 -14.22 9.98
C LEU A 57 32.32 -14.03 9.99
N LEU A 58 31.73 -13.92 8.79
CA LEU A 58 30.29 -13.89 8.60
C LEU A 58 29.92 -15.11 7.79
N ASN A 59 29.21 -16.05 8.42
CA ASN A 59 28.94 -17.34 7.79
C ASN A 59 30.23 -17.95 7.23
N GLY A 60 31.31 -17.84 8.00
CA GLY A 60 32.58 -18.43 7.63
C GLY A 60 33.47 -17.57 6.75
N LYS A 61 32.94 -16.49 6.18
CA LYS A 61 33.70 -15.67 5.25
C LYS A 61 34.25 -14.42 5.95
N GLU A 62 35.55 -14.18 5.78
CA GLU A 62 36.21 -13.08 6.46
C GLU A 62 35.65 -11.74 6.01
N ALA A 63 35.24 -10.92 6.98
CA ALA A 63 34.83 -9.55 6.75
C ALA A 63 35.84 -8.54 7.25
N TRP A 64 36.80 -8.98 8.06
CA TRP A 64 37.79 -8.11 8.67
C TRP A 64 38.90 -9.00 9.21
N SER A 65 40.13 -8.49 9.13
CA SER A 65 41.24 -9.17 9.79
C SER A 65 42.28 -8.14 10.17
N GLY A 66 43.04 -8.47 11.21
CA GLY A 66 44.10 -7.60 11.68
C GLY A 66 45.00 -8.36 12.62
N PRO A 67 46.11 -7.73 13.01
CA PRO A 67 46.99 -8.37 13.99
C PRO A 67 46.30 -8.50 15.35
N SER A 68 46.53 -9.63 15.99
CA SER A 68 46.01 -9.87 17.34
C SER A 68 47.07 -9.41 18.33
N THR A 69 46.83 -8.31 19.01
CA THR A 69 47.86 -7.67 19.82
C THR A 69 47.58 -7.67 21.31
N GLY A 70 46.44 -8.20 21.75
CA GLY A 70 46.17 -8.22 23.18
C GLY A 70 45.03 -9.16 23.49
N SER A 71 44.65 -9.18 24.78
CA SER A 71 43.58 -10.06 25.25
C SER A 71 42.20 -9.60 24.83
N SER A 72 42.06 -8.35 24.40
CA SER A 72 40.77 -7.84 23.93
C SER A 72 41.00 -7.09 22.62
N GLY A 73 39.98 -7.10 21.77
CA GLY A 73 40.09 -6.43 20.48
C GLY A 73 38.74 -5.93 20.01
N THR A 74 38.80 -5.00 19.06
CA THR A 74 37.61 -4.43 18.43
C THR A 74 37.85 -4.34 16.93
N ALA A 75 36.81 -4.64 16.16
CA ALA A 75 36.87 -4.57 14.70
C ALA A 75 35.70 -3.75 14.19
N ASN A 76 35.98 -2.79 13.31
CA ASN A 76 34.97 -2.01 12.63
C ASN A 76 35.11 -2.27 11.14
N PHE A 77 34.01 -2.62 10.49
CA PHE A 77 34.06 -2.99 9.09
C PHE A 77 32.70 -2.72 8.45
N LYS A 78 32.64 -2.84 7.13
CA LYS A 78 31.43 -2.57 6.38
C LYS A 78 30.85 -3.87 5.82
N VAL A 79 29.52 -3.95 5.80
CA VAL A 79 28.79 -5.07 5.23
C VAL A 79 27.77 -4.50 4.26
N ASN A 80 27.85 -4.90 2.99
CA ASN A 80 27.06 -4.27 1.95
C ASN A 80 25.86 -5.11 1.50
N LYS A 81 25.54 -6.18 2.21
CA LYS A 81 24.42 -7.05 1.86
C LYS A 81 23.60 -7.38 3.09
N GLY A 82 22.30 -7.13 3.02
CA GLY A 82 21.44 -7.38 4.17
C GLY A 82 21.29 -8.85 4.47
N GLY A 83 21.01 -9.14 5.73
CA GLY A 83 20.73 -10.50 6.15
C GLY A 83 20.96 -10.66 7.64
N ARG A 84 20.70 -11.88 8.10
CA ARG A 84 21.09 -12.32 9.43
C ARG A 84 22.29 -13.24 9.30
N TYR A 85 23.40 -12.87 9.93
CA TYR A 85 24.67 -13.56 9.76
C TYR A 85 25.07 -14.26 11.05
N GLN A 86 25.69 -15.44 10.90
CA GLN A 86 26.35 -16.12 12.01
C GLN A 86 27.76 -15.56 12.10
N MET A 87 27.99 -14.66 13.04
CA MET A 87 29.28 -14.00 13.16
C MET A 87 30.17 -14.70 14.17
N GLN A 88 31.44 -14.85 13.81
CA GLN A 88 32.44 -15.40 14.70
C GLN A 88 33.67 -14.53 14.68
N VAL A 89 34.39 -14.52 15.80
CA VAL A 89 35.75 -14.02 15.85
C VAL A 89 36.68 -15.23 15.93
N ALA A 90 37.72 -15.23 15.11
CA ALA A 90 38.70 -16.31 15.11
C ALA A 90 40.07 -15.73 15.39
N LEU A 91 40.81 -16.38 16.28
CA LEU A 91 42.21 -16.06 16.54
C LEU A 91 43.05 -17.16 15.89
N CYS A 92 44.05 -16.74 15.11
CA CYS A 92 44.82 -17.66 14.29
C CYS A 92 46.30 -17.44 14.52
N ASN A 93 47.06 -18.52 14.46
CA ASN A 93 48.52 -18.45 14.37
C ASN A 93 48.97 -19.56 13.42
N ALA A 94 50.28 -19.79 13.37
CA ALA A 94 50.82 -20.77 12.43
C ALA A 94 50.33 -22.17 12.70
N ASP A 95 49.88 -22.45 13.93
CA ASP A 95 49.43 -23.78 14.32
C ASP A 95 47.93 -23.97 14.25
N GLY A 96 47.17 -22.96 13.81
CA GLY A 96 45.75 -23.15 13.61
C GLY A 96 44.90 -21.95 13.95
N CYS A 97 43.59 -22.07 13.68
CA CYS A 97 42.63 -21.03 13.98
C CYS A 97 41.62 -21.54 15.00
N THR A 98 41.20 -20.68 15.90
CA THR A 98 40.22 -21.04 16.93
C THR A 98 39.10 -20.02 16.88
N ALA A 99 37.92 -20.46 16.47
CA ALA A 99 36.78 -19.57 16.26
C ALA A 99 35.86 -19.58 17.48
N SER A 100 35.35 -18.41 17.83
CA SER A 100 34.36 -18.27 18.87
C SER A 100 33.08 -19.04 18.51
N ASP A 101 32.23 -19.22 19.52
CA ASP A 101 30.84 -19.53 19.23
C ASP A 101 30.24 -18.42 18.38
N ALA A 102 29.24 -18.77 17.57
CA ALA A 102 28.64 -17.78 16.69
C ALA A 102 27.65 -16.89 17.44
N THR A 103 27.66 -15.61 17.09
CA THR A 103 26.67 -14.63 17.53
C THR A 103 25.93 -14.14 16.30
N GLU A 104 24.61 -14.18 16.33
CA GLU A 104 23.84 -13.69 15.19
C GLU A 104 23.86 -12.17 15.16
N ILE A 105 24.20 -11.60 14.01
CA ILE A 105 24.09 -10.16 13.83
C ILE A 105 23.07 -9.89 12.73
N VAL A 106 22.46 -8.71 12.82
CA VAL A 106 21.50 -8.25 11.84
C VAL A 106 22.13 -7.13 11.02
N VAL A 107 22.11 -7.29 9.71
CA VAL A 107 22.47 -6.22 8.80
C VAL A 107 21.21 -5.92 8.01
N ALA A 108 20.54 -4.83 8.35
CA ALA A 108 19.21 -4.56 7.83
C ALA A 108 19.27 -3.91 6.47
N ASP A 109 18.35 -4.29 5.59
CA ASP A 109 18.14 -3.60 4.34
C ASP A 109 16.64 -3.61 4.07
N THR A 110 16.22 -2.70 3.19
CA THR A 110 14.80 -2.42 3.04
C THR A 110 14.08 -3.41 2.14
N ASP A 111 14.77 -4.43 1.64
CA ASP A 111 14.07 -5.56 1.05
C ASP A 111 13.60 -6.56 2.09
N GLY A 112 13.94 -6.35 3.36
CA GLY A 112 13.55 -7.26 4.41
C GLY A 112 14.42 -8.49 4.53
N SER A 113 15.61 -8.48 3.94
CA SER A 113 16.46 -9.67 3.94
C SER A 113 16.96 -10.04 5.32
N HIS A 114 16.87 -9.12 6.29
CA HIS A 114 17.28 -9.37 7.67
C HIS A 114 16.14 -9.87 8.54
N LEU A 115 14.93 -9.98 8.00
CA LEU A 115 13.72 -10.17 8.79
C LEU A 115 13.16 -11.58 8.64
N ALA A 116 12.69 -12.13 9.75
CA ALA A 116 11.96 -13.38 9.69
C ALA A 116 10.65 -13.16 8.93
N PRO A 117 10.22 -14.14 8.13
CA PRO A 117 8.96 -13.97 7.39
C PRO A 117 7.79 -13.68 8.31
N LEU A 118 6.97 -12.73 7.89
CA LEU A 118 5.71 -12.42 8.58
C LEU A 118 4.62 -13.28 7.94
N LYS A 119 4.47 -14.50 8.46
CA LYS A 119 3.50 -15.47 7.95
C LYS A 119 2.46 -15.68 9.04
N GLU A 120 1.35 -14.96 8.96
CA GLU A 120 0.35 -14.96 10.00
C GLU A 120 -0.90 -15.73 9.57
N PRO A 121 -1.64 -16.29 10.53
CA PRO A 121 -2.86 -17.02 10.19
C PRO A 121 -3.96 -16.08 9.73
N LEU A 122 -4.84 -16.61 8.88
CA LEU A 122 -6.01 -15.84 8.45
C LEU A 122 -6.94 -15.60 9.62
N LEU A 123 -7.53 -14.41 9.66
CA LEU A 123 -8.41 -13.99 10.74
C LEU A 123 -9.84 -13.90 10.25
N GLU A 124 -10.76 -13.69 11.21
CA GLU A 124 -12.19 -13.47 10.95
C GLU A 124 -12.68 -14.56 9.99
N LYS A 125 -13.35 -14.21 8.91
CA LYS A 125 -13.95 -15.18 7.99
C LYS A 125 -13.09 -15.47 6.78
N ASN A 126 -11.86 -14.94 6.73
CA ASN A 126 -11.00 -15.16 5.57
C ASN A 126 -10.67 -16.65 5.44
N LYS A 127 -10.77 -17.15 4.21
CA LYS A 127 -10.44 -18.53 3.88
C LYS A 127 -9.30 -18.57 2.86
N PRO A 128 -8.46 -19.60 2.90
CA PRO A 128 -7.25 -19.60 2.06
C PRO A 128 -7.58 -19.88 0.59
N TYR A 129 -6.99 -19.06 -0.28
CA TYR A 129 -7.10 -19.24 -1.72
C TYR A 129 -5.71 -19.22 -2.35
N LYS A 130 -5.56 -19.99 -3.42
CA LYS A 130 -4.35 -19.98 -4.22
C LYS A 130 -4.53 -18.97 -5.36
N GLN A 131 -3.44 -18.25 -5.68
CA GLN A 131 -3.47 -17.26 -6.75
C GLN A 131 -3.08 -17.93 -8.07
N ASN A 132 -4.00 -18.74 -8.59
CA ASN A 132 -3.75 -19.50 -9.81
C ASN A 132 -4.72 -19.16 -10.94
N SER A 133 -5.52 -18.09 -10.80
CA SER A 133 -6.40 -17.68 -11.87
C SER A 133 -5.68 -16.83 -12.91
N GLY A 134 -4.52 -16.26 -12.58
CA GLY A 134 -3.89 -15.29 -13.45
C GLY A 134 -4.55 -13.93 -13.43
N LYS A 135 -5.55 -13.73 -12.59
CA LYS A 135 -6.26 -12.46 -12.48
C LYS A 135 -5.72 -11.64 -11.31
N VAL A 136 -5.88 -10.32 -11.42
CA VAL A 136 -5.51 -9.43 -10.32
C VAL A 136 -6.52 -9.58 -9.19
N VAL A 137 -6.01 -9.70 -7.97
CA VAL A 137 -6.81 -9.61 -6.76
C VAL A 137 -6.10 -8.59 -5.86
N GLY A 138 -6.60 -7.36 -5.81
CA GLY A 138 -5.88 -6.35 -5.08
C GLY A 138 -6.68 -5.69 -3.97
N SER A 139 -5.99 -5.01 -3.05
CA SER A 139 -6.69 -4.25 -2.03
C SER A 139 -5.77 -3.16 -1.52
N TYR A 140 -6.38 -2.14 -0.92
CA TYR A 140 -5.66 -1.02 -0.33
C TYR A 140 -5.51 -1.21 1.17
N PHE A 141 -4.29 -1.02 1.66
CA PHE A 141 -4.01 -0.88 3.08
C PHE A 141 -3.66 0.57 3.35
N VAL A 142 -4.29 1.17 4.37
CA VAL A 142 -4.14 2.61 4.62
C VAL A 142 -3.21 2.84 5.80
N GLU A 143 -2.31 3.81 5.63
CA GLU A 143 -1.27 4.07 6.61
C GLU A 143 -1.86 4.40 7.98
N TRP A 144 -2.97 5.13 8.01
CA TRP A 144 -3.55 5.61 9.25
C TRP A 144 -4.45 4.58 9.92
N GLY A 145 -4.66 3.43 9.29
CA GLY A 145 -5.51 2.40 9.86
C GLY A 145 -4.94 1.74 11.11
N VAL A 146 -3.66 1.97 11.42
CA VAL A 146 -3.05 1.36 12.59
C VAL A 146 -3.45 2.04 13.88
N TYR A 147 -4.18 3.14 13.80
CA TYR A 147 -4.59 3.86 15.00
C TYR A 147 -5.99 3.40 15.42
N GLY A 148 -7.00 4.24 15.19
CA GLY A 148 -8.35 3.90 15.64
C GLY A 148 -8.87 2.58 15.09
N ARG A 149 -8.59 2.31 13.81
CA ARG A 149 -9.05 1.07 13.21
C ARG A 149 -8.27 -0.14 13.69
N ASN A 150 -7.09 0.09 14.29
CA ASN A 150 -6.26 -0.97 14.87
C ASN A 150 -6.02 -2.10 13.88
N PHE A 151 -5.86 -1.76 12.61
CA PHE A 151 -5.65 -2.76 11.58
C PHE A 151 -4.23 -2.62 11.04
N THR A 152 -3.40 -3.61 11.34
CA THR A 152 -1.98 -3.59 11.04
C THR A 152 -1.65 -4.61 9.95
N VAL A 153 -0.41 -4.54 9.46
CA VAL A 153 0.00 -5.35 8.33
C VAL A 153 -0.10 -6.84 8.64
N ASP A 154 0.13 -7.23 9.90
CA ASP A 154 0.02 -8.63 10.28
C ASP A 154 -1.41 -9.15 10.19
N LYS A 155 -2.40 -8.28 10.04
CA LYS A 155 -3.79 -8.69 9.88
C LYS A 155 -4.22 -8.79 8.42
N ILE A 156 -3.36 -8.42 7.48
CA ILE A 156 -3.72 -8.53 6.06
C ILE A 156 -3.77 -10.01 5.67
N PRO A 157 -4.84 -10.49 5.04
CA PRO A 157 -4.85 -11.86 4.47
C PRO A 157 -4.03 -11.93 3.19
N ALA A 158 -2.71 -11.85 3.37
CA ALA A 158 -1.82 -11.57 2.24
C ALA A 158 -1.81 -12.69 1.20
N GLN A 159 -2.04 -13.94 1.62
CA GLN A 159 -2.02 -15.03 0.64
C GLN A 159 -3.18 -14.93 -0.34
N ASN A 160 -4.23 -14.17 -0.01
CA ASN A 160 -5.40 -14.02 -0.85
C ASN A 160 -5.34 -12.79 -1.75
N LEU A 161 -4.16 -12.23 -1.97
CA LEU A 161 -3.97 -11.05 -2.81
C LEU A 161 -2.85 -11.29 -3.80
N THR A 162 -2.99 -10.69 -4.99
CA THR A 162 -1.83 -10.51 -5.86
C THR A 162 -1.19 -9.14 -5.70
N HIS A 163 -1.98 -8.15 -5.32
CA HIS A 163 -1.54 -6.76 -5.23
C HIS A 163 -1.99 -6.16 -3.91
N LEU A 164 -1.06 -5.51 -3.21
CA LEU A 164 -1.37 -4.76 -2.00
C LEU A 164 -0.92 -3.32 -2.23
N LEU A 165 -1.86 -2.39 -2.17
CA LEU A 165 -1.57 -0.99 -2.42
C LEU A 165 -1.55 -0.22 -1.09
N TYR A 166 -0.54 0.61 -0.92
CA TYR A 166 -0.31 1.33 0.32
C TYR A 166 -0.76 2.77 0.13
N GLY A 167 -1.87 3.15 0.76
CA GLY A 167 -2.37 4.51 0.72
C GLY A 167 -2.02 5.23 2.01
N PHE A 168 -1.39 6.40 1.89
CA PHE A 168 -0.94 7.00 0.63
C PHE A 168 0.44 7.62 0.83
N ILE A 169 1.21 7.74 -0.25
CA ILE A 169 2.49 8.43 -0.23
C ILE A 169 2.24 9.87 -0.69
N PRO A 170 2.62 10.88 0.09
CA PRO A 170 2.35 12.27 -0.29
C PRO A 170 3.44 12.86 -1.18
N ILE A 171 3.10 14.00 -1.78
CA ILE A 171 4.04 14.81 -2.55
C ILE A 171 4.26 16.11 -1.78
N CYS A 172 5.53 16.46 -1.54
CA CYS A 172 5.82 17.62 -0.72
C CYS A 172 5.29 18.90 -1.35
N GLY A 173 4.89 19.83 -0.49
CA GLY A 173 4.40 21.11 -0.96
C GLY A 173 3.52 21.80 0.07
N GLY A 174 3.69 23.10 0.25
CA GLY A 174 2.90 23.83 1.21
C GLY A 174 1.73 24.58 0.59
N ASN A 175 1.62 25.87 0.90
CA ASN A 175 0.46 26.65 0.49
C ASN A 175 0.29 26.62 -1.03
N GLY A 176 -0.95 26.42 -1.48
CA GLY A 176 -1.26 26.35 -2.89
C GLY A 176 -0.94 25.04 -3.55
N ILE A 177 -0.20 24.15 -2.89
CA ILE A 177 0.21 22.88 -3.47
C ILE A 177 -0.53 21.70 -2.85
N ASN A 178 -0.76 21.74 -1.54
CA ASN A 178 -1.48 20.68 -0.82
C ASN A 178 -2.60 21.27 0.02
N ASP A 179 -3.32 22.26 -0.53
CA ASP A 179 -4.36 22.92 0.24
C ASP A 179 -5.47 21.96 0.67
N SER A 180 -5.72 20.91 -0.13
CA SER A 180 -6.77 19.98 0.24
C SER A 180 -6.50 19.31 1.58
N LEU A 181 -5.25 19.25 2.01
CA LEU A 181 -4.94 18.64 3.29
C LEU A 181 -5.41 19.47 4.47
N LYS A 182 -5.61 20.77 4.28
CA LYS A 182 -5.99 21.64 5.40
C LYS A 182 -7.37 21.30 5.96
N GLU A 183 -8.16 20.49 5.25
CA GLU A 183 -9.46 20.06 5.74
C GLU A 183 -9.37 18.94 6.76
N ILE A 184 -8.18 18.38 6.98
CA ILE A 184 -7.95 17.33 7.96
C ILE A 184 -7.08 17.90 9.07
N GLU A 185 -7.63 17.96 10.28
CA GLU A 185 -6.94 18.52 11.43
C GLU A 185 -5.51 17.99 11.54
N GLY A 186 -4.54 18.90 11.54
CA GLY A 186 -3.14 18.57 11.74
C GLY A 186 -2.43 17.95 10.55
N SER A 187 -3.14 17.65 9.46
CA SER A 187 -2.57 16.86 8.39
C SER A 187 -1.64 17.68 7.50
N PHE A 188 -2.02 18.91 7.18
CA PHE A 188 -1.14 19.78 6.40
C PHE A 188 0.14 20.07 7.16
N GLN A 189 0.02 20.37 8.46
CA GLN A 189 1.20 20.63 9.27
C GLN A 189 2.10 19.41 9.37
N ALA A 190 1.50 18.21 9.43
CA ALA A 190 2.30 17.00 9.49
C ALA A 190 3.14 16.83 8.23
N LEU A 191 2.56 17.11 7.06
CA LEU A 191 3.33 17.00 5.83
C LEU A 191 4.43 18.05 5.78
N GLN A 192 4.13 19.29 6.19
CA GLN A 192 5.18 20.31 6.19
C GLN A 192 6.33 19.93 7.10
N ARG A 193 6.05 19.26 8.22
CA ARG A 193 7.12 18.82 9.10
C ARG A 193 7.96 17.73 8.44
N SER A 194 7.30 16.73 7.85
CA SER A 194 8.00 15.68 7.14
C SER A 194 8.85 16.25 6.00
N CYS A 195 8.37 17.30 5.33
CA CYS A 195 9.03 17.83 4.15
C CYS A 195 9.97 18.98 4.45
N GLN A 196 10.31 19.23 5.71
CA GLN A 196 11.20 20.34 6.02
C GLN A 196 12.55 20.12 5.36
N GLY A 197 13.04 21.15 4.65
CA GLY A 197 14.29 21.07 3.93
C GLY A 197 14.23 20.28 2.64
N ARG A 198 13.05 19.82 2.24
CA ARG A 198 12.89 18.98 1.06
C ARG A 198 12.14 19.73 -0.02
N GLU A 199 12.58 19.58 -1.27
CA GLU A 199 11.99 20.35 -2.37
C GLU A 199 10.53 19.97 -2.59
N ASP A 200 9.71 20.96 -2.92
CA ASP A 200 8.34 20.67 -3.31
C ASP A 200 8.33 19.77 -4.54
N PHE A 201 7.31 18.91 -4.60
CA PHE A 201 7.01 17.98 -5.70
C PHE A 201 7.89 16.73 -5.65
N LYS A 202 8.63 16.52 -4.57
CA LYS A 202 9.25 15.24 -4.28
C LYS A 202 8.36 14.45 -3.33
N VAL A 203 8.39 13.12 -3.43
CA VAL A 203 7.58 12.31 -2.52
C VAL A 203 8.19 12.34 -1.12
N SER A 204 7.36 12.01 -0.13
CA SER A 204 7.82 11.89 1.24
C SER A 204 7.00 10.78 1.91
N ILE A 205 7.04 10.74 3.24
CA ILE A 205 6.18 9.87 4.03
C ILE A 205 5.33 10.77 4.91
N HIS A 206 4.02 10.55 4.89
CA HIS A 206 3.12 11.47 5.57
C HIS A 206 3.18 11.30 7.08
N ASP A 207 3.19 10.06 7.56
CA ASP A 207 3.22 9.74 8.99
C ASP A 207 4.40 8.82 9.24
N PRO A 208 5.60 9.38 9.46
CA PRO A 208 6.78 8.52 9.63
C PRO A 208 6.73 7.65 10.87
N PHE A 209 6.02 8.04 11.92
CA PHE A 209 5.90 7.17 13.08
C PHE A 209 5.17 5.88 12.70
N ALA A 210 3.97 6.01 12.13
CA ALA A 210 3.23 4.84 11.71
C ALA A 210 4.02 4.02 10.70
N ALA A 211 4.73 4.69 9.79
CA ALA A 211 5.39 3.99 8.70
C ALA A 211 6.65 3.26 9.14
N LEU A 212 7.39 3.80 10.11
CA LEU A 212 8.74 3.32 10.35
C LEU A 212 9.08 3.01 11.80
N GLN A 213 8.32 3.50 12.77
CA GLN A 213 8.77 3.43 14.17
C GLN A 213 7.77 2.83 15.14
N LYS A 214 6.49 2.78 14.83
CA LYS A 214 5.52 2.20 15.75
C LYS A 214 5.79 0.71 15.93
N ALA A 215 5.88 0.28 17.19
CA ALA A 215 6.10 -1.14 17.44
C ALA A 215 4.96 -1.97 16.84
N GLN A 216 5.32 -3.04 16.13
CA GLN A 216 4.34 -3.95 15.55
C GLN A 216 4.88 -5.37 15.62
N LYS A 217 3.97 -6.33 15.43
CA LYS A 217 4.33 -7.74 15.50
C LYS A 217 5.52 -8.07 14.61
N GLY A 218 6.55 -8.66 15.20
CA GLY A 218 7.77 -9.00 14.49
C GLY A 218 8.82 -7.90 14.47
N VAL A 219 8.43 -6.66 14.77
CA VAL A 219 9.36 -5.55 14.82
C VAL A 219 9.10 -4.74 16.09
N THR A 220 9.26 -5.38 17.25
CA THR A 220 9.03 -4.73 18.53
C THR A 220 10.30 -4.48 19.33
N ALA A 221 11.43 -5.07 18.95
CA ALA A 221 12.66 -4.84 19.69
C ALA A 221 13.18 -3.43 19.43
N TRP A 222 13.60 -2.75 20.50
CA TRP A 222 13.93 -1.33 20.37
C TRP A 222 15.01 -1.10 19.32
N ASP A 223 15.91 -2.06 19.13
CA ASP A 223 17.01 -1.89 18.18
C ASP A 223 16.70 -2.44 16.79
N ASP A 224 15.48 -2.88 16.54
CA ASP A 224 15.06 -3.24 15.18
C ASP A 224 15.17 -2.02 14.28
N PRO A 225 15.96 -2.05 13.21
CA PRO A 225 16.14 -0.83 12.40
C PRO A 225 14.87 -0.30 11.78
N TYR A 226 13.97 -1.16 11.30
CA TYR A 226 12.70 -0.75 10.72
C TYR A 226 11.55 -1.35 11.51
N LYS A 227 10.62 -0.49 11.93
CA LYS A 227 9.40 -0.94 12.57
C LYS A 227 8.21 -0.42 11.77
N GLY A 228 7.05 -0.30 12.41
CA GLY A 228 5.88 0.27 11.76
C GLY A 228 5.41 -0.51 10.54
N ASN A 229 4.69 0.20 9.67
CA ASN A 229 4.11 -0.43 8.49
C ASN A 229 5.18 -0.94 7.54
N PHE A 230 6.21 -0.13 7.29
CA PHE A 230 7.25 -0.52 6.33
C PHE A 230 8.02 -1.74 6.83
N GLY A 231 8.36 -1.77 8.11
CA GLY A 231 9.05 -2.94 8.65
C GLY A 231 8.24 -4.21 8.47
N GLN A 232 6.94 -4.15 8.76
CA GLN A 232 6.09 -5.32 8.59
C GLN A 232 5.91 -5.68 7.12
N LEU A 233 5.83 -4.68 6.24
CA LEU A 233 5.69 -4.98 4.82
C LEU A 233 6.93 -5.65 4.27
N MET A 234 8.12 -5.27 4.78
CA MET A 234 9.34 -5.97 4.40
C MET A 234 9.28 -7.43 4.82
N ALA A 235 8.83 -7.68 6.05
CA ALA A 235 8.71 -9.06 6.53
C ALA A 235 7.61 -9.81 5.80
N LEU A 236 6.54 -9.11 5.40
CA LEU A 236 5.49 -9.75 4.61
C LEU A 236 6.01 -10.16 3.24
N LYS A 237 6.86 -9.33 2.63
CA LYS A 237 7.48 -9.69 1.36
C LYS A 237 8.36 -10.93 1.50
N GLN A 238 8.97 -11.12 2.67
CA GLN A 238 9.75 -12.33 2.90
C GLN A 238 8.87 -13.57 2.95
N ALA A 239 7.64 -13.43 3.45
CA ALA A 239 6.70 -14.54 3.48
C ALA A 239 6.02 -14.76 2.14
N HIS A 240 5.81 -13.68 1.38
CA HIS A 240 5.06 -13.72 0.12
C HIS A 240 5.87 -13.02 -0.97
N PRO A 241 6.92 -13.66 -1.47
CA PRO A 241 7.81 -12.98 -2.43
C PRO A 241 7.13 -12.60 -3.74
N ASP A 242 6.00 -13.22 -4.08
CA ASP A 242 5.31 -12.90 -5.33
C ASP A 242 4.23 -11.85 -5.17
N LEU A 243 3.90 -11.45 -3.94
CA LEU A 243 2.97 -10.36 -3.71
C LEU A 243 3.57 -9.06 -4.24
N LYS A 244 2.76 -8.28 -4.96
CA LYS A 244 3.15 -6.97 -5.48
C LYS A 244 2.68 -5.92 -4.49
N ILE A 245 3.62 -5.24 -3.86
CA ILE A 245 3.33 -4.18 -2.89
C ILE A 245 3.65 -2.86 -3.57
N LEU A 246 2.61 -2.05 -3.82
CA LEU A 246 2.77 -0.81 -4.57
C LEU A 246 2.48 0.38 -3.68
N PRO A 247 3.34 1.40 -3.68
CA PRO A 247 3.00 2.66 -3.00
C PRO A 247 2.04 3.46 -3.85
N SER A 248 0.94 3.89 -3.25
CA SER A 248 -0.07 4.69 -3.94
C SER A 248 0.17 6.16 -3.62
N ILE A 249 0.38 6.96 -4.66
CA ILE A 249 0.63 8.38 -4.53
C ILE A 249 -0.63 9.11 -4.91
N GLY A 250 -1.15 9.94 -4.00
CA GLY A 250 -2.34 10.71 -4.28
C GLY A 250 -3.52 10.36 -3.40
N GLY A 251 -4.65 10.10 -4.02
CA GLY A 251 -5.88 9.95 -3.28
C GLY A 251 -6.60 11.28 -3.19
N TRP A 252 -7.67 11.27 -2.39
CA TRP A 252 -8.59 12.41 -2.37
C TRP A 252 -7.90 13.69 -1.90
N THR A 253 -7.09 13.60 -0.85
CA THR A 253 -6.56 14.80 -0.24
C THR A 253 -5.10 15.08 -0.58
N LEU A 254 -4.43 14.16 -1.28
CA LEU A 254 -3.02 14.34 -1.62
C LEU A 254 -2.79 14.46 -3.13
N SER A 255 -3.83 14.73 -3.90
CA SER A 255 -3.72 14.82 -5.35
C SER A 255 -3.40 16.20 -5.88
N ASP A 256 -3.49 17.26 -5.05
CA ASP A 256 -3.31 18.61 -5.57
C ASP A 256 -2.00 18.80 -6.33
N PRO A 257 -0.86 18.24 -5.90
CA PRO A 257 0.39 18.53 -6.63
C PRO A 257 0.39 18.04 -8.08
N PHE A 258 -0.38 17.01 -8.42
CA PHE A 258 -0.40 16.54 -9.80
C PHE A 258 -0.81 17.64 -10.77
N PHE A 259 -1.67 18.55 -10.33
CA PHE A 259 -2.22 19.59 -11.21
C PHE A 259 -1.17 20.59 -11.67
N PHE A 260 0.02 20.57 -11.08
CA PHE A 260 1.10 21.45 -11.47
C PHE A 260 2.12 20.76 -12.37
N MET A 261 1.94 19.47 -12.66
CA MET A 261 2.98 18.72 -13.35
C MET A 261 2.95 18.89 -14.87
N GLY A 262 2.12 19.79 -15.39
CA GLY A 262 2.33 20.27 -16.74
C GLY A 262 3.66 20.98 -16.91
N ASP A 263 4.22 21.50 -15.81
CA ASP A 263 5.58 22.02 -15.79
C ASP A 263 6.55 20.84 -15.73
N LYS A 264 7.28 20.60 -16.80
CA LYS A 264 8.18 19.45 -16.83
C LYS A 264 9.29 19.53 -15.79
N VAL A 265 9.66 20.74 -15.36
CA VAL A 265 10.62 20.85 -14.25
C VAL A 265 10.08 20.15 -13.01
N LYS A 266 8.80 20.37 -12.70
CA LYS A 266 8.19 19.73 -11.54
C LYS A 266 7.97 18.24 -11.79
N ARG A 267 7.51 17.89 -12.99
CA ARG A 267 7.25 16.49 -13.32
C ARG A 267 8.54 15.68 -13.24
N ASP A 268 9.63 16.21 -13.79
CA ASP A 268 10.92 15.53 -13.73
C ASP A 268 11.38 15.36 -12.28
N ARG A 269 11.23 16.39 -11.46
CA ARG A 269 11.61 16.27 -10.06
C ARG A 269 10.79 15.18 -9.37
N PHE A 270 9.49 15.13 -9.66
CA PHE A 270 8.63 14.12 -9.05
C PHE A 270 9.08 12.72 -9.47
N VAL A 271 9.23 12.49 -10.77
CA VAL A 271 9.60 11.16 -11.26
C VAL A 271 10.94 10.74 -10.68
N GLY A 272 11.89 11.66 -10.62
CA GLY A 272 13.20 11.34 -10.04
C GLY A 272 13.10 10.99 -8.57
N SER A 273 12.20 11.66 -7.84
CA SER A 273 12.03 11.33 -6.43
C SER A 273 11.35 9.98 -6.24
N VAL A 274 10.49 9.58 -7.18
CA VAL A 274 9.91 8.24 -7.11
C VAL A 274 10.99 7.19 -7.33
N LYS A 275 11.89 7.42 -8.29
CA LYS A 275 12.98 6.48 -8.49
C LYS A 275 13.81 6.34 -7.22
N GLU A 276 14.19 7.47 -6.63
CA GLU A 276 14.96 7.43 -5.38
C GLU A 276 14.20 6.71 -4.28
N PHE A 277 12.89 6.94 -4.20
CA PHE A 277 12.07 6.29 -3.18
C PHE A 277 12.08 4.78 -3.34
N LEU A 278 11.98 4.29 -4.58
CA LEU A 278 12.00 2.84 -4.80
C LEU A 278 13.39 2.25 -4.57
N GLN A 279 14.45 3.01 -4.91
CA GLN A 279 15.80 2.55 -4.58
C GLN A 279 16.01 2.51 -3.07
N THR A 280 15.33 3.38 -2.34
CA THR A 280 15.47 3.45 -0.88
C THR A 280 14.66 2.35 -0.19
N TRP A 281 13.43 2.13 -0.65
CA TRP A 281 12.49 1.21 -0.03
C TRP A 281 12.28 0.03 -0.97
N LYS A 282 13.17 -0.95 -0.89
CA LYS A 282 13.25 -2.01 -1.88
C LYS A 282 12.09 -2.99 -1.84
N PHE A 283 11.28 -2.98 -0.78
CA PHE A 283 10.16 -3.91 -0.73
C PHE A 283 9.01 -3.50 -1.64
N PHE A 284 8.98 -2.26 -2.13
CA PHE A 284 7.95 -1.82 -3.07
C PHE A 284 8.28 -2.31 -4.48
N ASP A 285 7.23 -2.58 -5.27
CA ASP A 285 7.35 -3.27 -6.55
C ASP A 285 6.97 -2.41 -7.75
N GLY A 286 6.94 -1.10 -7.58
CA GLY A 286 6.46 -0.22 -8.63
C GLY A 286 5.81 1.00 -8.02
N VAL A 287 4.85 1.57 -8.74
CA VAL A 287 4.18 2.77 -8.25
C VAL A 287 2.76 2.79 -8.80
N ASP A 288 1.83 3.24 -7.94
CA ASP A 288 0.44 3.42 -8.30
C ASP A 288 0.12 4.90 -8.20
N ILE A 289 -0.43 5.47 -9.26
CA ILE A 289 -0.73 6.90 -9.34
C ILE A 289 -2.24 7.07 -9.20
N ASP A 290 -2.67 7.69 -8.10
CA ASP A 290 -4.09 7.89 -7.81
C ASP A 290 -4.41 9.38 -7.86
N TRP A 291 -4.34 9.94 -9.05
CA TRP A 291 -4.62 11.36 -9.26
C TRP A 291 -6.14 11.54 -9.35
N GLU A 292 -6.71 12.25 -8.37
CA GLU A 292 -8.15 12.49 -8.33
C GLU A 292 -8.39 13.99 -8.47
N PHE A 293 -8.68 14.46 -9.68
CA PHE A 293 -8.70 13.70 -10.93
C PHE A 293 -8.18 14.64 -12.01
N PRO A 294 -7.64 14.11 -13.11
CA PRO A 294 -7.34 14.97 -14.26
C PRO A 294 -8.60 15.72 -14.67
N GLY A 295 -8.47 17.04 -14.79
CA GLY A 295 -9.59 17.91 -15.09
C GLY A 295 -10.25 18.53 -13.87
N GLY A 296 -9.91 18.09 -12.67
CA GLY A 296 -10.50 18.65 -11.46
C GLY A 296 -11.69 17.87 -10.97
N LYS A 297 -12.52 18.57 -10.20
CA LYS A 297 -13.70 17.97 -9.55
C LYS A 297 -13.30 16.93 -8.52
N GLY A 298 -12.08 17.06 -7.98
CA GLY A 298 -11.69 16.31 -6.82
C GLY A 298 -11.97 17.09 -5.55
N ALA A 299 -11.07 17.03 -4.57
CA ALA A 299 -11.29 17.73 -3.32
C ALA A 299 -11.17 19.24 -3.49
N ASN A 300 -10.31 19.70 -4.40
CA ASN A 300 -10.00 21.11 -4.50
C ASN A 300 -10.80 21.74 -5.62
N PRO A 301 -11.74 22.65 -5.33
CA PRO A 301 -12.54 23.26 -6.40
C PRO A 301 -11.77 24.24 -7.27
N ASN A 302 -10.55 24.61 -6.89
CA ASN A 302 -9.78 25.61 -7.63
C ASN A 302 -8.74 24.99 -8.55
N LEU A 303 -8.68 23.67 -8.66
CA LEU A 303 -7.71 23.00 -9.51
C LEU A 303 -8.41 22.22 -10.60
N GLY A 304 -7.69 22.00 -11.70
CA GLY A 304 -8.24 21.33 -12.85
C GLY A 304 -8.07 22.17 -14.10
N SER A 305 -7.58 21.55 -15.17
CA SER A 305 -7.27 22.27 -16.40
C SER A 305 -7.46 21.34 -17.59
N PRO A 306 -7.75 21.88 -18.77
CA PRO A 306 -7.89 21.02 -19.96
C PRO A 306 -6.59 20.36 -20.37
N GLN A 307 -5.44 20.81 -19.87
CA GLN A 307 -4.18 20.17 -20.18
C GLN A 307 -3.90 18.94 -19.33
N ASP A 308 -4.76 18.65 -18.34
CA ASP A 308 -4.48 17.56 -17.41
C ASP A 308 -4.39 16.21 -18.11
N GLY A 309 -5.20 15.99 -19.15
CA GLY A 309 -5.12 14.72 -19.87
C GLY A 309 -3.76 14.50 -20.51
N GLU A 310 -3.22 15.55 -21.15
CA GLU A 310 -1.88 15.45 -21.73
C GLU A 310 -0.83 15.24 -20.64
N THR A 311 -0.95 15.97 -19.53
CA THR A 311 -0.01 15.79 -18.43
C THR A 311 -0.04 14.36 -17.91
N TYR A 312 -1.25 13.78 -17.78
CA TYR A 312 -1.36 12.41 -17.28
C TYR A 312 -0.63 11.42 -18.19
N VAL A 313 -0.84 11.56 -19.51
CA VAL A 313 -0.20 10.65 -20.45
C VAL A 313 1.32 10.81 -20.41
N LEU A 314 1.80 12.06 -20.34
CA LEU A 314 3.24 12.30 -20.25
C LEU A 314 3.80 11.73 -18.96
N LEU A 315 3.08 11.91 -17.85
CA LEU A 315 3.56 11.40 -16.56
C LEU A 315 3.70 9.87 -16.60
N MET A 316 2.71 9.18 -17.16
CA MET A 316 2.80 7.72 -17.21
C MET A 316 3.94 7.27 -18.11
N LYS A 317 4.14 7.95 -19.23
CA LYS A 317 5.24 7.62 -20.13
C LYS A 317 6.59 7.79 -19.41
N GLU A 318 6.76 8.90 -18.70
CA GLU A 318 8.04 9.16 -18.06
C GLU A 318 8.25 8.27 -16.83
N LEU A 319 7.18 7.96 -16.11
CA LEU A 319 7.31 6.99 -15.02
C LEU A 319 7.71 5.62 -15.56
N ARG A 320 7.10 5.20 -16.66
CA ARG A 320 7.47 3.92 -17.27
C ARG A 320 8.94 3.90 -17.68
N ALA A 321 9.41 4.98 -18.32
CA ALA A 321 10.81 5.04 -18.71
C ALA A 321 11.73 4.96 -17.49
N MET A 322 11.34 5.62 -16.39
CA MET A 322 12.12 5.53 -15.16
C MET A 322 12.12 4.11 -14.62
N LEU A 323 10.96 3.44 -14.61
CA LEU A 323 10.88 2.08 -14.09
C LEU A 323 11.64 1.10 -14.97
N ASP A 324 11.65 1.33 -16.28
CA ASP A 324 12.43 0.45 -17.15
C ASP A 324 13.92 0.59 -16.87
N GLN A 325 14.39 1.80 -16.57
CA GLN A 325 15.78 1.97 -16.19
C GLN A 325 16.06 1.30 -14.84
N LEU A 326 15.15 1.46 -13.87
CA LEU A 326 15.31 0.80 -12.59
C LEU A 326 15.30 -0.71 -12.75
N SER A 327 14.42 -1.22 -13.61
CA SER A 327 14.38 -2.66 -13.86
C SER A 327 15.70 -3.16 -14.44
N ALA A 328 16.31 -2.38 -15.33
CA ALA A 328 17.60 -2.77 -15.90
C ALA A 328 18.70 -2.77 -14.83
N GLU A 329 18.63 -1.83 -13.89
CA GLU A 329 19.66 -1.75 -12.86
C GLU A 329 19.55 -2.90 -11.87
N THR A 330 18.33 -3.32 -11.54
CA THR A 330 18.12 -4.30 -10.49
C THR A 330 17.79 -5.69 -11.01
N GLY A 331 17.36 -5.83 -12.26
CA GLY A 331 16.85 -7.08 -12.75
C GLY A 331 15.44 -7.41 -12.32
N ARG A 332 14.78 -6.53 -11.59
CA ARG A 332 13.44 -6.78 -11.11
C ARG A 332 12.40 -6.24 -12.09
N LYS A 333 11.22 -6.83 -12.04
CA LYS A 333 10.06 -6.30 -12.74
C LYS A 333 9.35 -5.29 -11.85
N TYR A 334 9.06 -4.12 -12.40
CA TYR A 334 8.32 -3.09 -11.70
C TYR A 334 7.01 -2.82 -12.43
N GLU A 335 5.97 -2.53 -11.67
CA GLU A 335 4.66 -2.27 -12.23
C GLU A 335 4.30 -0.79 -12.09
N LEU A 336 3.57 -0.30 -13.07
CA LEU A 336 3.00 1.05 -13.06
C LEU A 336 1.50 0.91 -13.20
N THR A 337 0.78 1.41 -12.21
CA THR A 337 -0.68 1.31 -12.18
C THR A 337 -1.27 2.67 -11.84
N SER A 338 -2.58 2.76 -11.97
CA SER A 338 -3.28 4.00 -11.65
C SER A 338 -4.72 3.66 -11.28
N ALA A 339 -5.21 4.27 -10.20
CA ALA A 339 -6.63 4.23 -9.86
C ALA A 339 -7.29 5.45 -10.51
N ILE A 340 -8.41 5.22 -11.20
CA ILE A 340 -9.04 6.25 -12.01
C ILE A 340 -10.53 6.30 -11.71
N SER A 341 -11.13 7.45 -11.99
CA SER A 341 -12.58 7.57 -11.88
C SER A 341 -13.25 6.62 -12.87
N ALA A 342 -14.39 6.07 -12.45
CA ALA A 342 -15.19 5.23 -13.32
C ALA A 342 -16.29 6.00 -14.05
N GLY A 343 -16.40 7.30 -13.80
CA GLY A 343 -17.39 8.11 -14.50
C GLY A 343 -16.93 8.43 -15.90
N LYS A 344 -17.80 8.20 -16.89
CA LYS A 344 -17.45 8.49 -18.27
C LYS A 344 -17.03 9.95 -18.43
N ASP A 345 -17.68 10.85 -17.69
CA ASP A 345 -17.36 12.28 -17.82
C ASP A 345 -15.90 12.55 -17.48
N LYS A 346 -15.37 11.86 -16.48
CA LYS A 346 -13.97 12.04 -16.14
C LYS A 346 -13.05 11.16 -17.00
N ILE A 347 -13.53 9.97 -17.39
CA ILE A 347 -12.71 9.08 -18.21
C ILE A 347 -12.36 9.74 -19.53
N ASP A 348 -13.29 10.50 -20.10
CA ASP A 348 -13.00 11.07 -21.41
C ASP A 348 -12.12 12.31 -21.36
N LYS A 349 -11.67 12.71 -20.17
CA LYS A 349 -10.64 13.74 -20.07
C LYS A 349 -9.25 13.22 -20.40
N VAL A 350 -9.07 11.90 -20.48
CA VAL A 350 -7.77 11.28 -20.64
C VAL A 350 -7.81 10.30 -21.80
N ALA A 351 -6.71 10.21 -22.54
CA ALA A 351 -6.56 9.21 -23.61
C ALA A 351 -5.93 7.97 -23.00
N TYR A 352 -6.76 7.18 -22.30
CA TYR A 352 -6.27 5.94 -21.72
C TYR A 352 -5.84 4.94 -22.78
N ASN A 353 -6.39 5.03 -24.00
CA ASN A 353 -5.90 4.17 -25.06
C ASN A 353 -4.45 4.44 -25.42
N VAL A 354 -3.94 5.63 -25.10
CA VAL A 354 -2.52 5.94 -25.26
C VAL A 354 -1.74 5.61 -23.99
N ALA A 355 -2.28 5.99 -22.83
CA ALA A 355 -1.55 5.78 -21.57
C ALA A 355 -1.40 4.31 -21.24
N GLN A 356 -2.34 3.46 -21.69
CA GLN A 356 -2.26 2.04 -21.38
C GLN A 356 -0.94 1.42 -21.83
N ASN A 357 -0.31 1.99 -22.86
CA ASN A 357 0.95 1.45 -23.35
C ASN A 357 2.06 1.58 -22.31
N SER A 358 1.89 2.46 -21.32
CA SER A 358 2.88 2.62 -20.25
C SER A 358 2.51 1.86 -18.99
N MET A 359 1.28 1.36 -18.88
CA MET A 359 0.73 0.90 -17.61
C MET A 359 0.50 -0.59 -17.62
N ASP A 360 0.68 -1.20 -16.44
CA ASP A 360 0.36 -2.60 -16.27
C ASP A 360 -1.12 -2.81 -15.98
N HIS A 361 -1.71 -1.95 -15.14
CA HIS A 361 -3.09 -2.12 -14.73
C HIS A 361 -3.74 -0.77 -14.54
N ILE A 362 -5.03 -0.72 -14.85
CA ILE A 362 -5.89 0.42 -14.56
C ILE A 362 -6.88 -0.03 -13.49
N PHE A 363 -6.80 0.58 -12.30
CA PHE A 363 -7.70 0.25 -11.20
C PHE A 363 -8.94 1.14 -11.32
N LEU A 364 -10.00 0.60 -11.92
CA LEU A 364 -11.22 1.35 -12.15
C LEU A 364 -11.99 1.48 -10.84
N MET A 365 -12.14 2.71 -10.35
CA MET A 365 -12.79 2.95 -9.06
C MET A 365 -14.31 2.91 -9.26
N SER A 366 -14.80 1.71 -9.55
CA SER A 366 -16.24 1.48 -9.72
C SER A 366 -16.93 1.39 -8.36
N TYR A 367 -16.84 2.49 -7.62
CA TYR A 367 -17.55 2.66 -6.36
C TYR A 367 -17.66 4.16 -6.09
N ASP A 368 -18.34 4.50 -4.99
CA ASP A 368 -18.65 5.89 -4.65
C ASP A 368 -19.50 6.57 -5.73
N PHE A 369 -20.28 5.78 -6.49
CA PHE A 369 -21.16 6.37 -7.49
C PHE A 369 -22.19 7.30 -6.86
N TYR A 370 -22.65 6.96 -5.65
CA TYR A 370 -23.61 7.76 -4.89
C TYR A 370 -23.18 7.76 -3.43
N GLY A 371 -23.74 8.68 -2.67
CA GLY A 371 -23.40 8.75 -1.26
C GLY A 371 -23.95 10.01 -0.63
N ALA A 372 -23.62 10.16 0.65
CA ALA A 372 -24.14 11.27 1.45
C ALA A 372 -23.65 12.62 0.95
N PHE A 373 -22.69 12.66 0.02
CA PHE A 373 -22.30 13.92 -0.60
C PHE A 373 -23.40 14.49 -1.49
N ASP A 374 -24.42 13.70 -1.78
CA ASP A 374 -25.59 14.16 -2.55
C ASP A 374 -26.82 13.58 -1.88
N LEU A 375 -27.62 14.44 -1.25
CA LEU A 375 -28.81 14.02 -0.52
C LEU A 375 -30.05 13.96 -1.38
N LYS A 376 -30.00 14.48 -2.61
CA LYS A 376 -31.16 14.56 -3.48
C LYS A 376 -31.26 13.40 -4.46
N ASN A 377 -30.14 12.97 -5.04
CA ASN A 377 -30.14 11.89 -6.03
C ASN A 377 -29.44 10.69 -5.41
N LEU A 378 -30.23 9.66 -5.09
CA LEU A 378 -29.72 8.46 -4.45
C LEU A 378 -29.61 7.32 -5.46
N GLY A 379 -28.78 6.34 -5.13
CA GLY A 379 -28.55 5.20 -6.02
C GLY A 379 -27.54 4.24 -5.44
N HIS A 380 -27.31 3.16 -6.18
CA HIS A 380 -26.33 2.16 -5.78
C HIS A 380 -24.92 2.73 -5.95
N GLN A 381 -24.12 2.64 -4.89
CA GLN A 381 -22.80 3.28 -4.92
C GLN A 381 -21.76 2.48 -5.68
N THR A 382 -21.97 1.18 -5.91
CA THR A 382 -20.94 0.36 -6.56
C THR A 382 -21.54 -0.72 -7.44
N ALA A 383 -22.72 -0.48 -8.01
CA ALA A 383 -23.45 -1.51 -8.74
C ALA A 383 -22.79 -1.83 -10.08
N LEU A 384 -23.06 -3.04 -10.56
CA LEU A 384 -22.56 -3.42 -11.89
C LEU A 384 -23.37 -2.74 -12.98
N ASN A 385 -24.69 -2.82 -12.91
CA ASN A 385 -25.58 -2.30 -13.94
C ASN A 385 -26.52 -1.25 -13.35
N ALA A 386 -27.28 -0.62 -14.25
CA ALA A 386 -28.31 0.31 -13.82
C ALA A 386 -29.48 -0.44 -13.19
N PRO A 387 -30.21 0.19 -12.27
CA PRO A 387 -31.39 -0.45 -11.68
C PRO A 387 -32.58 -0.36 -12.62
N ALA A 388 -33.61 -1.14 -12.27
CA ALA A 388 -34.81 -1.21 -13.12
C ALA A 388 -35.58 0.10 -13.13
N TRP A 389 -35.53 0.86 -12.03
CA TRP A 389 -36.28 2.11 -11.95
C TRP A 389 -35.57 3.27 -12.65
N LYS A 390 -34.34 3.09 -13.09
CA LYS A 390 -33.60 4.14 -13.77
C LYS A 390 -32.55 3.52 -14.69
N PRO A 391 -32.96 2.90 -15.80
CA PRO A 391 -31.98 2.24 -16.67
C PRO A 391 -30.97 3.17 -17.32
N ASP A 392 -31.20 4.48 -17.29
CA ASP A 392 -30.28 5.45 -17.87
C ASP A 392 -29.26 5.97 -16.86
N THR A 393 -29.21 5.37 -15.67
CA THR A 393 -28.23 5.76 -14.66
C THR A 393 -26.85 5.92 -15.28
N ALA A 394 -26.22 7.06 -15.03
CA ALA A 394 -24.92 7.34 -15.65
C ALA A 394 -23.79 6.54 -14.99
N TYR A 395 -23.73 6.55 -13.66
CA TYR A 395 -22.60 5.97 -12.94
C TYR A 395 -22.89 4.51 -12.59
N THR A 396 -22.40 3.61 -13.44
CA THR A 396 -22.41 2.17 -13.19
C THR A 396 -21.05 1.62 -13.57
N THR A 397 -20.75 0.41 -13.09
CA THR A 397 -19.47 -0.22 -13.43
C THR A 397 -19.37 -0.44 -14.93
N VAL A 398 -20.44 -0.95 -15.55
CA VAL A 398 -20.39 -1.26 -16.98
C VAL A 398 -20.16 0.00 -17.79
N ASN A 399 -20.76 1.12 -17.38
CA ASN A 399 -20.57 2.36 -18.13
C ASN A 399 -19.12 2.82 -18.09
N GLY A 400 -18.44 2.61 -16.96
CA GLY A 400 -17.03 2.95 -16.89
C GLY A 400 -16.17 2.03 -17.73
N VAL A 401 -16.40 0.72 -17.61
CA VAL A 401 -15.68 -0.24 -18.44
C VAL A 401 -15.90 0.04 -19.91
N ASN A 402 -17.17 0.26 -20.29
CA ASN A 402 -17.48 0.50 -21.70
C ASN A 402 -16.79 1.77 -22.21
N ALA A 403 -16.71 2.80 -21.37
CA ALA A 403 -16.05 4.04 -21.78
C ALA A 403 -14.56 3.78 -22.08
N LEU A 404 -13.90 2.99 -21.25
CA LEU A 404 -12.50 2.66 -21.52
C LEU A 404 -12.37 1.82 -22.79
N LEU A 405 -13.21 0.78 -22.93
CA LEU A 405 -13.15 -0.03 -24.12
C LEU A 405 -13.41 0.79 -25.38
N THR A 406 -14.27 1.80 -25.28
CA THR A 406 -14.58 2.63 -26.45
C THR A 406 -13.38 3.44 -26.90
N GLN A 407 -12.55 3.91 -25.94
CA GLN A 407 -11.34 4.63 -26.31
C GLN A 407 -10.32 3.73 -27.01
N GLY A 408 -10.41 2.42 -26.79
CA GLY A 408 -9.41 1.49 -27.30
C GLY A 408 -8.57 0.82 -26.23
N VAL A 409 -8.96 0.91 -24.95
CA VAL A 409 -8.21 0.24 -23.91
C VAL A 409 -8.41 -1.26 -24.02
N LYS A 410 -7.32 -2.01 -23.91
CA LYS A 410 -7.40 -3.46 -23.96
C LYS A 410 -8.10 -3.96 -22.70
N PRO A 411 -9.06 -4.88 -22.81
CA PRO A 411 -9.81 -5.30 -21.62
C PRO A 411 -8.93 -5.85 -20.51
N GLY A 412 -7.84 -6.55 -20.85
CA GLY A 412 -6.98 -7.14 -19.84
C GLY A 412 -6.30 -6.14 -18.92
N LYS A 413 -6.25 -4.86 -19.29
CA LYS A 413 -5.68 -3.82 -18.44
C LYS A 413 -6.62 -3.41 -17.30
N ILE A 414 -7.91 -3.68 -17.44
CA ILE A 414 -8.94 -3.07 -16.61
C ILE A 414 -9.22 -3.95 -15.40
N VAL A 415 -9.02 -3.40 -14.20
CA VAL A 415 -9.29 -4.08 -12.95
C VAL A 415 -10.50 -3.42 -12.30
N VAL A 416 -11.54 -4.21 -12.05
CA VAL A 416 -12.82 -3.68 -11.59
C VAL A 416 -12.80 -3.51 -10.08
N GLY A 417 -13.34 -2.38 -9.61
CA GLY A 417 -13.29 -2.05 -8.20
C GLY A 417 -14.52 -2.57 -7.45
N THR A 418 -14.27 -3.05 -6.23
CA THR A 418 -15.30 -3.49 -5.31
C THR A 418 -15.14 -2.73 -3.99
N ALA A 419 -16.26 -2.52 -3.29
CA ALA A 419 -16.27 -1.75 -2.06
C ALA A 419 -16.38 -2.68 -0.86
N MET A 420 -15.44 -2.56 0.07
CA MET A 420 -15.52 -3.23 1.36
C MET A 420 -16.20 -2.36 2.41
N TYR A 421 -17.07 -1.46 1.96
CA TYR A 421 -17.76 -0.50 2.80
C TYR A 421 -19.06 -0.14 2.12
N GLY A 422 -19.98 0.43 2.90
CA GLY A 422 -21.21 0.98 2.37
C GLY A 422 -21.22 2.48 2.54
N ARG A 423 -21.94 3.16 1.66
CA ARG A 423 -22.31 4.55 1.83
C ARG A 423 -23.79 4.62 2.14
N GLY A 424 -24.20 5.63 2.89
CA GLY A 424 -25.58 5.62 3.36
C GLY A 424 -26.09 6.99 3.73
N TRP A 425 -27.41 7.09 3.73
CA TRP A 425 -28.14 8.29 4.09
C TRP A 425 -29.01 7.99 5.30
N THR A 426 -29.49 9.05 5.95
CA THR A 426 -30.51 8.94 6.97
C THR A 426 -31.70 9.79 6.58
N GLY A 427 -32.86 9.49 7.18
CA GLY A 427 -34.05 10.27 6.91
C GLY A 427 -34.56 10.18 5.49
N VAL A 428 -34.28 9.09 4.78
CA VAL A 428 -34.79 8.94 3.43
C VAL A 428 -36.31 8.92 3.45
N ASN A 429 -36.91 9.66 2.53
CA ASN A 429 -38.36 9.86 2.55
C ASN A 429 -38.83 10.23 1.14
N GLY A 430 -40.14 10.17 0.95
CA GLY A 430 -40.73 10.55 -0.32
C GLY A 430 -40.41 9.63 -1.48
N TYR A 431 -40.23 8.33 -1.21
CA TYR A 431 -39.92 7.35 -2.25
C TYR A 431 -41.17 6.62 -2.68
N GLN A 432 -41.10 5.99 -3.86
CA GLN A 432 -42.23 5.35 -4.48
C GLN A 432 -41.97 3.85 -4.66
N ASN A 433 -43.06 3.08 -4.62
CA ASN A 433 -43.03 1.66 -4.98
C ASN A 433 -42.01 0.88 -4.16
N ASN A 434 -41.83 1.25 -2.90
CA ASN A 434 -40.96 0.54 -1.97
C ASN A 434 -39.50 0.56 -2.40
N ILE A 435 -39.12 1.51 -3.26
CA ILE A 435 -37.72 1.67 -3.67
C ILE A 435 -37.17 2.91 -2.97
N PRO A 436 -36.45 2.76 -1.84
CA PRO A 436 -36.00 3.95 -1.12
C PRO A 436 -35.12 4.87 -1.96
N PHE A 437 -34.45 4.33 -2.98
CA PHE A 437 -33.54 5.13 -3.80
C PHE A 437 -34.24 6.21 -4.60
N THR A 438 -35.56 6.12 -4.76
CA THR A 438 -36.31 7.12 -5.51
C THR A 438 -36.69 8.33 -4.66
N GLY A 439 -36.33 8.35 -3.39
CA GLY A 439 -36.64 9.43 -2.48
C GLY A 439 -35.50 10.42 -2.33
N THR A 440 -35.48 11.09 -1.18
CA THR A 440 -34.43 12.04 -0.84
C THR A 440 -34.09 11.89 0.63
N ALA A 441 -32.85 12.21 0.99
CA ALA A 441 -32.36 12.05 2.35
C ALA A 441 -32.24 13.41 3.02
N THR A 442 -32.15 13.38 4.35
CA THR A 442 -31.93 14.59 5.15
C THR A 442 -30.52 14.68 5.69
N GLY A 443 -29.70 13.65 5.54
CA GLY A 443 -28.34 13.68 6.02
C GLY A 443 -27.61 12.38 5.80
N PRO A 444 -26.39 12.26 6.32
CA PRO A 444 -25.63 11.02 6.17
C PRO A 444 -26.03 10.00 7.23
N VAL A 445 -25.82 8.73 6.89
CA VAL A 445 -26.01 7.67 7.87
C VAL A 445 -24.88 7.71 8.89
N LYS A 446 -25.20 7.32 10.12
CA LYS A 446 -24.18 7.19 11.15
C LYS A 446 -23.12 6.19 10.69
N GLY A 447 -21.86 6.63 10.65
CA GLY A 447 -20.79 5.84 10.10
C GLY A 447 -19.91 5.18 11.16
N THR A 448 -19.11 4.21 10.69
CA THR A 448 -18.19 3.53 11.60
C THR A 448 -17.13 4.50 12.12
N TRP A 449 -16.54 5.29 11.23
CA TRP A 449 -15.45 6.19 11.60
C TRP A 449 -15.76 7.62 11.18
N GLU A 450 -16.52 7.78 10.10
CA GLU A 450 -16.94 9.09 9.63
C GLU A 450 -18.35 8.98 9.08
N ASN A 451 -19.10 10.07 9.17
CA ASN A 451 -20.50 10.06 8.74
C ASN A 451 -20.62 9.62 7.28
N GLY A 452 -21.64 8.83 7.00
CA GLY A 452 -21.97 8.44 5.64
C GLY A 452 -21.25 7.23 5.11
N ILE A 453 -20.34 6.63 5.87
CA ILE A 453 -19.57 5.48 5.44
C ILE A 453 -19.59 4.44 6.55
N VAL A 454 -19.81 3.17 6.19
CA VAL A 454 -19.91 2.07 7.15
C VAL A 454 -19.03 0.92 6.67
N ASP A 455 -18.15 0.44 7.54
CA ASP A 455 -17.36 -0.76 7.24
C ASP A 455 -18.31 -1.89 6.86
N TYR A 456 -17.89 -2.71 5.89
CA TYR A 456 -18.69 -3.89 5.60
C TYR A 456 -18.80 -4.79 6.82
N ARG A 457 -17.72 -4.90 7.59
CA ARG A 457 -17.76 -5.68 8.82
C ARG A 457 -18.96 -5.28 9.68
N GLN A 458 -19.22 -3.98 9.79
CA GLN A 458 -20.30 -3.49 10.64
C GLN A 458 -21.65 -3.68 9.98
N ILE A 459 -21.73 -3.53 8.65
CA ILE A 459 -22.97 -3.83 7.95
C ILE A 459 -23.41 -5.26 8.25
N ALA A 460 -22.52 -6.22 8.04
CA ALA A 460 -22.86 -7.62 8.29
C ALA A 460 -23.07 -7.89 9.77
N SER A 461 -22.40 -7.14 10.63
CA SER A 461 -22.46 -7.40 12.07
C SER A 461 -23.69 -6.80 12.73
N GLN A 462 -24.11 -5.62 12.31
CA GLN A 462 -25.16 -4.89 13.00
C GLN A 462 -26.40 -4.60 12.16
N PHE A 463 -26.28 -4.48 10.85
CA PHE A 463 -27.34 -3.93 10.02
C PHE A 463 -28.00 -4.97 9.12
N MET A 464 -27.87 -6.26 9.46
CA MET A 464 -28.58 -7.32 8.76
C MET A 464 -29.48 -8.09 9.72
N SER A 465 -30.02 -7.40 10.72
CA SER A 465 -30.98 -7.98 11.66
C SER A 465 -31.87 -6.87 12.17
N GLY A 466 -32.78 -7.23 13.08
CA GLY A 466 -33.68 -6.22 13.63
C GLY A 466 -34.64 -5.68 12.59
N GLU A 467 -34.81 -4.36 12.59
CA GLU A 467 -35.74 -3.71 11.68
C GLU A 467 -35.17 -3.54 10.28
N TRP A 468 -33.91 -3.89 10.05
CA TRP A 468 -33.26 -3.62 8.77
C TRP A 468 -33.79 -4.54 7.70
N GLN A 469 -34.41 -3.96 6.67
CA GLN A 469 -34.76 -4.72 5.48
C GLN A 469 -33.50 -4.98 4.66
N TYR A 470 -33.49 -6.14 3.99
CA TYR A 470 -32.38 -6.51 3.12
C TYR A 470 -32.92 -6.84 1.74
N THR A 471 -32.28 -6.29 0.70
CA THR A 471 -32.70 -6.51 -0.67
C THR A 471 -31.48 -6.66 -1.56
N TYR A 472 -31.45 -7.74 -2.34
CA TYR A 472 -30.47 -7.87 -3.42
C TYR A 472 -31.15 -7.49 -4.72
N ASP A 473 -30.69 -6.40 -5.32
CA ASP A 473 -31.18 -5.92 -6.61
C ASP A 473 -30.47 -6.70 -7.71
N ALA A 474 -31.18 -7.65 -8.31
CA ALA A 474 -30.56 -8.54 -9.29
C ALA A 474 -30.39 -7.89 -10.66
N THR A 475 -31.11 -6.80 -10.94
CA THR A 475 -30.88 -6.08 -12.19
C THR A 475 -29.57 -5.30 -12.14
N ALA A 476 -29.39 -4.48 -11.09
CA ALA A 476 -28.16 -3.74 -10.91
C ALA A 476 -27.02 -4.63 -10.39
N GLU A 477 -27.36 -5.74 -9.73
CA GLU A 477 -26.40 -6.58 -9.01
C GLU A 477 -25.84 -5.81 -7.83
N ALA A 478 -26.69 -5.49 -6.83
CA ALA A 478 -26.28 -4.62 -5.74
C ALA A 478 -27.18 -4.83 -4.52
N PRO A 479 -26.61 -5.10 -3.34
CA PRO A 479 -27.40 -5.22 -2.13
C PRO A 479 -27.62 -3.86 -1.47
N TYR A 480 -28.64 -3.81 -0.61
CA TYR A 480 -28.83 -2.63 0.22
C TYR A 480 -29.73 -2.97 1.38
N VAL A 481 -29.52 -2.27 2.49
CA VAL A 481 -30.35 -2.44 3.69
C VAL A 481 -31.02 -1.12 4.00
N PHE A 482 -32.21 -1.20 4.58
CA PHE A 482 -33.05 -0.02 4.79
C PHE A 482 -33.81 -0.18 6.10
N LYS A 483 -33.75 0.84 6.95
CA LYS A 483 -34.52 0.88 8.18
C LYS A 483 -35.60 1.94 8.05
N PRO A 484 -36.85 1.56 7.76
CA PRO A 484 -37.87 2.57 7.42
C PRO A 484 -38.21 3.52 8.55
N SER A 485 -38.09 3.09 9.81
CA SER A 485 -38.47 3.95 10.92
C SER A 485 -37.63 5.22 10.93
N THR A 486 -36.34 5.10 10.69
CA THR A 486 -35.42 6.24 10.67
C THR A 486 -35.02 6.66 9.27
N GLY A 487 -35.37 5.89 8.24
CA GLY A 487 -34.98 6.21 6.89
C GLY A 487 -33.52 5.94 6.57
N ASP A 488 -32.85 5.11 7.36
CA ASP A 488 -31.44 4.80 7.12
C ASP A 488 -31.32 3.84 5.94
N LEU A 489 -30.46 4.19 4.98
CA LEU A 489 -30.29 3.43 3.75
C LEU A 489 -28.81 3.30 3.46
N ILE A 490 -28.33 2.07 3.32
CA ILE A 490 -26.91 1.79 3.09
C ILE A 490 -26.79 0.98 1.81
N THR A 491 -25.91 1.44 0.91
CA THR A 491 -25.61 0.74 -0.33
C THR A 491 -24.16 0.27 -0.30
N PHE A 492 -23.93 -1.00 -0.63
CA PHE A 492 -22.65 -1.65 -0.40
C PHE A 492 -22.51 -2.81 -1.39
N ASP A 493 -21.37 -3.50 -1.29
CA ASP A 493 -21.11 -4.76 -1.99
C ASP A 493 -21.24 -5.92 -1.01
N ASP A 494 -21.81 -7.03 -1.45
CA ASP A 494 -21.78 -8.23 -0.63
C ASP A 494 -21.21 -9.38 -1.47
N ALA A 495 -21.19 -10.58 -0.87
CA ALA A 495 -20.58 -11.71 -1.55
C ALA A 495 -21.20 -11.92 -2.93
N ARG A 496 -22.50 -11.71 -3.06
CA ARG A 496 -23.16 -11.99 -4.33
C ARG A 496 -22.88 -10.92 -5.38
N SER A 497 -22.86 -9.65 -4.99
CA SER A 497 -22.53 -8.61 -5.97
C SER A 497 -21.07 -8.71 -6.41
N VAL A 498 -20.18 -9.09 -5.49
CA VAL A 498 -18.79 -9.34 -5.89
C VAL A 498 -18.73 -10.52 -6.84
N GLN A 499 -19.53 -11.55 -6.59
CA GLN A 499 -19.62 -12.69 -7.50
C GLN A 499 -20.00 -12.24 -8.90
N ALA A 500 -20.98 -11.35 -9.01
CA ALA A 500 -21.40 -10.85 -10.31
C ALA A 500 -20.28 -10.10 -11.00
N LYS A 501 -19.53 -9.29 -10.24
CA LYS A 501 -18.42 -8.56 -10.84
C LYS A 501 -17.32 -9.49 -11.32
N GLY A 502 -16.99 -10.50 -10.52
CA GLY A 502 -15.98 -11.47 -10.93
C GLY A 502 -16.37 -12.24 -12.18
N LYS A 503 -17.62 -12.72 -12.22
CA LYS A 503 -18.11 -13.37 -13.44
C LYS A 503 -18.04 -12.43 -14.63
N TYR A 504 -18.40 -11.16 -14.42
CA TYR A 504 -18.32 -10.16 -15.47
C TYR A 504 -16.87 -10.00 -15.95
N VAL A 505 -15.92 -9.97 -15.01
CA VAL A 505 -14.51 -9.85 -15.37
C VAL A 505 -14.07 -11.04 -16.23
N LEU A 506 -14.45 -12.25 -15.82
CA LEU A 506 -14.10 -13.42 -16.61
C LEU A 506 -14.76 -13.38 -17.99
N ASP A 507 -16.05 -13.01 -18.02
CA ASP A 507 -16.79 -13.02 -19.28
C ASP A 507 -16.21 -12.02 -20.27
N LYS A 508 -15.89 -10.81 -19.80
CA LYS A 508 -15.36 -9.76 -20.67
C LYS A 508 -13.84 -9.78 -20.76
N GLN A 509 -13.18 -10.77 -20.16
CA GLN A 509 -11.73 -10.91 -20.21
C GLN A 509 -11.03 -9.66 -19.66
N LEU A 510 -11.56 -9.14 -18.57
CA LEU A 510 -10.94 -8.01 -17.89
C LEU A 510 -9.78 -8.50 -17.02
N GLY A 511 -9.14 -7.57 -16.32
CA GLY A 511 -7.89 -7.87 -15.62
C GLY A 511 -8.02 -8.51 -14.25
N GLY A 512 -9.11 -8.26 -13.55
CA GLY A 512 -9.30 -8.79 -12.22
C GLY A 512 -10.15 -7.85 -11.39
N LEU A 513 -9.99 -7.97 -10.07
CA LEU A 513 -10.74 -7.19 -9.11
C LEU A 513 -9.80 -6.57 -8.08
N PHE A 514 -10.19 -5.42 -7.55
CA PHE A 514 -9.49 -4.80 -6.44
C PHE A 514 -10.51 -4.14 -5.53
N SER A 515 -10.08 -3.78 -4.32
CA SER A 515 -11.01 -3.33 -3.29
C SER A 515 -10.41 -2.18 -2.46
N TRP A 516 -11.31 -1.33 -1.97
CA TRP A 516 -11.04 -0.33 -0.94
C TRP A 516 -12.03 -0.58 0.19
N GLU A 517 -11.55 -0.71 1.45
CA GLU A 517 -10.16 -0.78 1.92
C GLU A 517 -10.07 -2.06 2.78
N ILE A 518 -8.90 -2.71 2.84
CA ILE A 518 -8.81 -4.08 3.36
C ILE A 518 -9.23 -4.18 4.82
N ASP A 519 -9.02 -3.13 5.61
CA ASP A 519 -9.36 -3.21 7.04
C ASP A 519 -10.86 -3.32 7.29
N ALA A 520 -11.70 -2.95 6.33
CA ALA A 520 -13.15 -2.89 6.53
C ALA A 520 -13.86 -4.20 6.23
N ASP A 521 -13.18 -5.17 5.64
CA ASP A 521 -13.77 -6.46 5.32
C ASP A 521 -13.70 -7.38 6.53
N ASN A 522 -14.70 -8.26 6.65
CA ASN A 522 -14.62 -9.34 7.63
C ASN A 522 -14.13 -10.65 7.01
N GLY A 523 -13.81 -10.64 5.72
CA GLY A 523 -13.41 -11.82 4.98
C GLY A 523 -14.35 -12.18 3.85
N ASP A 524 -15.64 -11.86 4.00
CA ASP A 524 -16.64 -12.22 3.00
C ASP A 524 -16.28 -11.66 1.63
N ILE A 525 -15.83 -10.41 1.57
CA ILE A 525 -15.64 -9.75 0.29
C ILE A 525 -14.42 -10.32 -0.43
N LEU A 526 -13.28 -10.39 0.27
CA LEU A 526 -12.07 -10.92 -0.37
C LEU A 526 -12.25 -12.39 -0.73
N ASN A 527 -12.94 -13.15 0.13
CA ASN A 527 -13.27 -14.53 -0.23
C ASN A 527 -13.99 -14.59 -1.57
N SER A 528 -15.03 -13.76 -1.73
CA SER A 528 -15.82 -13.78 -2.95
C SER A 528 -15.02 -13.26 -4.13
N MET A 529 -14.16 -12.27 -3.92
CA MET A 529 -13.29 -11.81 -5.00
C MET A 529 -12.46 -12.96 -5.55
N ASN A 530 -11.82 -13.73 -4.65
CA ASN A 530 -10.99 -14.84 -5.08
C ASN A 530 -11.83 -15.93 -5.75
N ALA A 531 -12.93 -16.32 -5.12
CA ALA A 531 -13.73 -17.42 -5.66
C ALA A 531 -14.33 -17.06 -7.01
N SER A 532 -14.79 -15.82 -7.18
CA SER A 532 -15.48 -15.45 -8.41
C SER A 532 -14.52 -15.34 -9.59
N LEU A 533 -13.24 -15.09 -9.34
CA LEU A 533 -12.25 -15.05 -10.41
C LEU A 533 -11.66 -16.42 -10.70
N GLY A 534 -12.06 -17.45 -9.96
CA GLY A 534 -11.63 -18.80 -10.25
C GLY A 534 -10.41 -19.29 -9.51
N ASN A 535 -9.96 -18.57 -8.49
CA ASN A 535 -8.87 -19.07 -7.66
C ASN A 535 -9.33 -20.30 -6.89
N SER A 536 -8.45 -21.30 -6.82
CA SER A 536 -8.79 -22.53 -6.11
C SER A 536 -8.65 -22.33 -4.61
N ALA A 537 -9.58 -22.92 -3.86
CA ALA A 537 -9.47 -22.91 -2.40
C ALA A 537 -8.23 -23.66 -1.97
N GLY A 538 -7.55 -23.12 -0.95
CA GLY A 538 -6.34 -23.73 -0.44
C GLY A 538 -5.19 -22.75 -0.28
C10 4QU B . -10.11 8.15 1.65
C13 4QU B . -11.43 7.32 -0.17
C15 4QU B . -10.67 7.61 -2.54
C17 4QU B . -10.54 5.21 -3.35
C20 4QU B . -8.59 6.51 -3.52
C01 4QU B . -5.67 10.86 6.82
C02 4QU B . -6.77 10.31 7.57
C03 4QU B . -7.85 9.67 6.89
C04 4QU B . -7.84 9.61 5.52
C05 4QU B . -5.69 10.77 5.43
C06 4QU B . -8.92 8.90 3.48
C07 4QU B . -7.92 9.41 2.70
C08 4QU B . -6.79 10.06 3.35
C09 4QU B . -9.02 9.07 7.68
C11 4QU B . -9.14 8.63 0.78
C12 4QU B . -8.04 9.27 1.33
C14 4QU B . -9.34 8.44 -0.67
C16 4QU B . -9.91 6.42 -3.14
C18 4QU B . -9.82 4.16 -3.92
C19 4QU B . -8.48 4.33 -4.27
N01 4QU B . -6.76 10.15 4.75
N02 4QU B . -8.89 8.99 4.86
N03 4QU B . -9.97 8.29 2.96
N04 4QU B . -11.25 7.50 1.19
N05 4QU B . -10.46 7.79 -1.12
N06 4QU B . -7.89 5.51 -4.06
O01 4QU B . -5.75 10.59 2.59
O02 4QU B . -8.39 8.90 -1.59
#